data_5JWM
#
_entry.id   5JWM
#
_cell.length_a   75.670
_cell.length_b   107.140
_cell.length_c   74.840
_cell.angle_alpha   90.000
_cell.angle_beta   90.000
_cell.angle_gamma   90.000
#
_symmetry.space_group_name_H-M   'C 2 2 21'
#
loop_
_entity.id
_entity.type
_entity.pdbx_description
1 polymer 'Bromodomain-containing protein 4'
2 non-polymer 2-[(9~{S})-7-(4-chlorophenyl)-4,5,13-trimethyl-3-thia-1,8,11,12-tetrazatricyclo[8.3.0.0^{2,6}]trideca-2(6),4,7,10,12-pentaen-9-yl]-~{N}-[2-[2-[2-[2-[2-[2-[2-[2-[2-[(9~{S})-7-(4-chlorophenyl)-4,5,13-trimethyl-3-thia-1,8,11,12-tetrazatricyclo[8.3.0.0^{2,6}]trideca-2(6),4,7,10,12-pentaen-9-yl]ethanoylamino]ethoxy]ethoxy]ethoxy]ethoxy]ethoxy]ethoxy]ethoxy]ethyl]ethanamide
3 water water
#
_entity_poly.entity_id   1
_entity_poly.type   'polypeptide(L)'
_entity_poly.pdbx_seq_one_letter_code
;SMKDVPDSQQHPAPEKSSKVSEQLKCCSGILKEMFAKKHAAYAWPFYKPVDVEALGLHDYCDIIKHPMDMSTIKSKLEAR
EYRDAQEFGADVRLMFSNCYKYNPPDHEVVAMARKLQDVFEMRFAKMPDE
;
_entity_poly.pdbx_strand_id   A,B
#
# COMPACT_ATOMS: atom_id res chain seq x y z
N VAL A 20 0.28 9.35 27.98
CA VAL A 20 -1.05 8.77 28.13
C VAL A 20 -1.00 7.52 29.01
N SER A 21 -2.15 6.91 29.25
CA SER A 21 -2.17 5.60 29.90
C SER A 21 -1.36 4.61 29.06
N GLU A 22 -0.96 3.52 29.72
CA GLU A 22 -0.26 2.45 29.01
C GLU A 22 -1.14 1.84 27.94
N GLN A 23 -2.43 1.62 28.24
CA GLN A 23 -3.34 1.07 27.24
C GLN A 23 -3.39 1.97 26.01
N LEU A 24 -3.42 3.28 26.19
CA LEU A 24 -3.49 4.15 25.01
C LEU A 24 -2.16 4.19 24.25
N LYS A 25 -1.03 4.02 24.94
CA LYS A 25 0.22 3.84 24.20
C LYS A 25 0.17 2.60 23.34
N CYS A 26 -0.37 1.50 23.88
CA CYS A 26 -0.49 0.29 23.10
CA CYS A 26 -0.49 0.29 23.10
C CYS A 26 -1.36 0.52 21.88
N CYS A 27 -2.42 1.33 22.02
CA CYS A 27 -3.29 1.64 20.91
C CYS A 27 -2.52 2.33 19.77
N SER A 28 -1.64 3.26 20.11
CA SER A 28 -0.79 3.86 19.08
C SER A 28 0.06 2.82 18.39
N GLY A 29 0.54 1.83 19.14
CA GLY A 29 1.31 0.76 18.52
C GLY A 29 0.47 -0.12 17.63
N ILE A 30 -0.79 -0.34 17.99
CA ILE A 30 -1.66 -1.14 17.15
C ILE A 30 -1.92 -0.42 15.84
N LEU A 31 -2.22 0.87 15.91
CA LEU A 31 -2.47 1.61 14.68
C LEU A 31 -1.21 1.66 13.82
N LYS A 32 -0.04 1.81 14.43
CA LYS A 32 1.20 1.79 13.65
C LYS A 32 1.33 0.48 12.89
N GLU A 33 1.03 -0.64 13.56
CA GLU A 33 1.07 -1.93 12.88
C GLU A 33 0.09 -1.97 11.72
N MET A 34 -1.11 -1.41 11.90
CA MET A 34 -2.08 -1.40 10.81
C MET A 34 -1.59 -0.57 9.62
N PHE A 35 -0.70 0.39 9.88
CA PHE A 35 -0.06 1.19 8.83
C PHE A 35 1.20 0.56 8.24
N ALA A 36 1.66 -0.56 8.79
CA ALA A 36 2.91 -1.15 8.34
C ALA A 36 2.79 -1.70 6.92
N LYS A 37 3.92 -1.72 6.21
CA LYS A 37 3.91 -2.11 4.81
C LYS A 37 3.48 -3.55 4.63
N LYS A 38 3.67 -4.41 5.62
CA LYS A 38 3.30 -5.81 5.40
C LYS A 38 1.80 -5.96 5.19
N HIS A 39 0.98 -5.02 5.69
CA HIS A 39 -0.46 -5.06 5.53
C HIS A 39 -0.98 -4.14 4.45
N ALA A 40 -0.09 -3.44 3.74
CA ALA A 40 -0.54 -2.32 2.93
C ALA A 40 -1.44 -2.74 1.78
N ALA A 41 -1.25 -3.95 1.23
CA ALA A 41 -2.02 -4.33 0.05
C ALA A 41 -3.51 -4.48 0.37
N TYR A 42 -3.90 -4.66 1.63
CA TYR A 42 -5.30 -4.65 1.99
C TYR A 42 -5.69 -3.53 2.93
N ALA A 43 -4.74 -2.86 3.54
CA ALA A 43 -5.06 -1.75 4.43
C ALA A 43 -5.26 -0.43 3.71
N TRP A 44 -4.71 -0.27 2.51
CA TRP A 44 -4.67 1.06 1.92
C TRP A 44 -6.03 1.74 1.78
N PRO A 45 -7.15 1.06 1.56
CA PRO A 45 -8.41 1.79 1.43
C PRO A 45 -8.77 2.57 2.69
N PHE A 46 -8.29 2.13 3.84
CA PHE A 46 -8.67 2.67 5.14
C PHE A 46 -7.72 3.75 5.62
N TYR A 47 -6.70 4.09 4.81
CA TYR A 47 -5.66 5.02 5.26
C TYR A 47 -6.21 6.44 5.48
N LYS A 48 -7.13 6.89 4.64
CA LYS A 48 -7.61 8.27 4.63
C LYS A 48 -9.12 8.26 4.55
N PRO A 49 -9.77 9.39 4.81
CA PRO A 49 -11.23 9.43 4.70
C PRO A 49 -11.69 9.02 3.30
N VAL A 50 -12.78 8.27 3.27
CA VAL A 50 -13.43 7.93 2.01
C VAL A 50 -13.67 9.24 1.26
N ASP A 51 -13.11 9.35 0.07
CA ASP A 51 -13.24 10.56 -0.74
C ASP A 51 -14.46 10.36 -1.63
N VAL A 52 -15.61 10.83 -1.14
CA VAL A 52 -16.89 10.54 -1.79
C VAL A 52 -16.93 11.14 -3.19
N GLU A 53 -16.31 12.31 -3.36
CA GLU A 53 -16.31 12.96 -4.66
C GLU A 53 -15.45 12.19 -5.65
N ALA A 54 -14.22 11.85 -5.25
CA ALA A 54 -13.33 11.11 -6.12
C ALA A 54 -13.96 9.79 -6.54
N LEU A 55 -14.68 9.13 -5.62
CA LEU A 55 -15.20 7.81 -5.89
C LEU A 55 -16.59 7.82 -6.52
N GLY A 56 -17.23 8.97 -6.60
CA GLY A 56 -18.56 9.05 -7.20
C GLY A 56 -19.67 8.44 -6.38
N LEU A 57 -19.58 8.54 -5.05
CA LEU A 57 -20.49 7.87 -4.13
C LEU A 57 -21.58 8.80 -3.61
N HIS A 58 -22.62 8.99 -4.41
CA HIS A 58 -23.63 10.00 -4.11
C HIS A 58 -24.56 9.61 -2.97
N ASP A 59 -24.49 8.38 -2.50
CA ASP A 59 -25.31 7.93 -1.39
C ASP A 59 -24.51 7.63 -0.13
N TYR A 60 -23.19 7.84 -0.13
CA TYR A 60 -22.37 7.39 1.00
C TYR A 60 -22.67 8.18 2.27
N CYS A 61 -22.71 9.52 2.17
CA CYS A 61 -22.91 10.30 3.38
C CYS A 61 -24.28 10.05 3.99
N ASP A 62 -25.23 9.61 3.19
CA ASP A 62 -26.55 9.26 3.69
C ASP A 62 -26.52 7.93 4.46
N ILE A 63 -25.83 6.93 3.93
CA ILE A 63 -25.82 5.60 4.53
C ILE A 63 -24.87 5.55 5.73
N ILE A 64 -23.73 6.23 5.62
CA ILE A 64 -22.67 6.24 6.62
C ILE A 64 -22.74 7.58 7.33
N LYS A 65 -23.42 7.61 8.47
CA LYS A 65 -23.61 8.86 9.19
C LYS A 65 -22.36 9.31 9.91
N HIS A 66 -21.43 8.41 10.21
CA HIS A 66 -20.24 8.71 11.01
C HIS A 66 -19.02 8.09 10.35
N PRO A 67 -18.48 8.74 9.35
CA PRO A 67 -17.32 8.18 8.66
C PRO A 67 -16.12 8.12 9.59
N MET A 68 -15.22 7.18 9.30
CA MET A 68 -14.01 7.02 10.10
C MET A 68 -12.95 6.33 9.23
N ASP A 69 -11.69 6.66 9.52
CA ASP A 69 -10.54 6.16 8.79
C ASP A 69 -9.32 6.21 9.70
N MET A 70 -8.21 5.61 9.23
CA MET A 70 -7.03 5.46 10.07
C MET A 70 -6.32 6.77 10.32
N SER A 71 -6.32 7.69 9.36
CA SER A 71 -5.66 8.99 9.57
C SER A 71 -6.39 9.81 10.61
N THR A 72 -7.72 9.76 10.58
CA THR A 72 -8.52 10.43 11.59
C THR A 72 -8.26 9.84 12.97
N ILE A 73 -8.19 8.50 13.06
CA ILE A 73 -7.87 7.86 14.34
C ILE A 73 -6.49 8.28 14.82
N LYS A 74 -5.52 8.31 13.90
CA LYS A 74 -4.17 8.72 14.30
C LYS A 74 -4.18 10.15 14.84
N SER A 75 -4.89 11.05 14.16
CA SER A 75 -4.97 12.42 14.62
C SER A 75 -5.57 12.51 16.02
N LYS A 76 -6.55 11.66 16.31
CA LYS A 76 -7.20 11.71 17.62
C LYS A 76 -6.27 11.17 18.69
N LEU A 77 -5.50 10.13 18.37
CA LEU A 77 -4.49 9.66 19.30
C LEU A 77 -3.46 10.76 19.58
N GLU A 78 -2.93 11.37 18.52
CA GLU A 78 -1.90 12.40 18.66
C GLU A 78 -2.41 13.59 19.45
N ALA A 79 -3.68 13.94 19.29
CA ALA A 79 -4.27 15.04 20.03
C ALA A 79 -4.77 14.62 21.40
N ARG A 80 -4.60 13.34 21.75
CA ARG A 80 -4.97 12.81 23.07
C ARG A 80 -6.46 12.97 23.34
N GLU A 81 -7.28 12.65 22.33
CA GLU A 81 -8.73 12.84 22.39
C GLU A 81 -9.48 11.60 22.85
N TYR A 82 -8.82 10.45 22.91
CA TYR A 82 -9.49 9.24 23.36
C TYR A 82 -9.40 9.17 24.87
N ARG A 83 -10.52 8.91 25.53
CA ARG A 83 -10.50 8.82 26.98
C ARG A 83 -9.87 7.51 27.45
N ASP A 84 -9.97 6.45 26.64
CA ASP A 84 -9.42 5.14 27.01
C ASP A 84 -9.36 4.27 25.76
N ALA A 85 -8.81 3.07 25.94
CA ALA A 85 -8.60 2.14 24.83
C ALA A 85 -9.91 1.71 24.21
N GLN A 86 -10.99 1.64 24.99
CA GLN A 86 -12.26 1.23 24.41
C GLN A 86 -12.80 2.27 23.44
N GLU A 87 -12.56 3.55 23.68
CA GLU A 87 -12.98 4.56 22.72
C GLU A 87 -12.20 4.44 21.42
N PHE A 88 -10.89 4.18 21.51
CA PHE A 88 -10.08 3.94 20.32
C PHE A 88 -10.61 2.74 19.57
N GLY A 89 -10.86 1.64 20.28
CA GLY A 89 -11.36 0.45 19.62
C GLY A 89 -12.72 0.66 18.96
N ALA A 90 -13.57 1.50 19.57
CA ALA A 90 -14.85 1.79 18.96
C ALA A 90 -14.70 2.49 17.62
N ASP A 91 -13.73 3.40 17.52
CA ASP A 91 -13.49 4.09 16.25
C ASP A 91 -12.95 3.12 15.20
N VAL A 92 -12.04 2.24 15.59
CA VAL A 92 -11.55 1.27 14.62
C VAL A 92 -12.69 0.39 14.13
N ARG A 93 -13.55 -0.08 15.04
CA ARG A 93 -14.64 -0.94 14.62
C ARG A 93 -15.69 -0.17 13.82
N LEU A 94 -15.86 1.12 14.10
CA LEU A 94 -16.73 1.96 13.29
C LEU A 94 -16.26 2.00 11.85
N MET A 95 -14.96 2.21 11.65
CA MET A 95 -14.36 2.21 10.32
C MET A 95 -14.71 0.92 9.56
N PHE A 96 -14.52 -0.23 10.20
CA PHE A 96 -14.81 -1.48 9.52
C PHE A 96 -16.31 -1.66 9.31
N SER A 97 -17.11 -1.35 10.34
CA SER A 97 -18.57 -1.48 10.22
C SER A 97 -19.11 -0.63 9.09
N ASN A 98 -18.58 0.58 8.92
CA ASN A 98 -19.02 1.42 7.81
C ASN A 98 -18.78 0.72 6.50
N CYS A 99 -17.62 0.08 6.37
CA CYS A 99 -17.31 -0.64 5.13
C CYS A 99 -18.29 -1.78 4.91
N TYR A 100 -18.54 -2.58 5.96
CA TYR A 100 -19.49 -3.69 5.86
C TYR A 100 -20.91 -3.20 5.58
N LYS A 101 -21.28 -2.04 6.14
CA LYS A 101 -22.62 -1.50 5.95
C LYS A 101 -22.83 -1.03 4.52
N TYR A 102 -21.87 -0.29 3.98
CA TYR A 102 -22.06 0.33 2.68
C TYR A 102 -21.96 -0.67 1.55
N ASN A 103 -21.11 -1.69 1.69
CA ASN A 103 -20.77 -2.51 0.53
C ASN A 103 -21.43 -3.87 0.54
N PRO A 104 -21.64 -4.47 -0.64
CA PRO A 104 -22.12 -5.85 -0.67
C PRO A 104 -21.13 -6.78 0.01
N PRO A 105 -21.61 -7.87 0.62
CA PRO A 105 -20.68 -8.73 1.38
C PRO A 105 -19.61 -9.40 0.54
N ASP A 106 -19.86 -9.60 -0.76
CA ASP A 106 -18.88 -10.21 -1.65
C ASP A 106 -17.93 -9.19 -2.28
N HIS A 107 -17.96 -7.94 -1.83
CA HIS A 107 -17.14 -6.91 -2.43
C HIS A 107 -15.66 -7.07 -2.07
N GLU A 108 -14.78 -6.76 -3.02
CA GLU A 108 -13.34 -6.83 -2.76
C GLU A 108 -12.92 -5.99 -1.55
N VAL A 109 -13.55 -4.84 -1.32
CA VAL A 109 -13.08 -3.99 -0.21
C VAL A 109 -13.48 -4.60 1.12
N VAL A 110 -14.59 -5.32 1.15
CA VAL A 110 -15.02 -6.03 2.35
C VAL A 110 -14.00 -7.10 2.71
N ALA A 111 -13.47 -7.80 1.72
CA ALA A 111 -12.46 -8.80 2.03
C ALA A 111 -11.22 -8.13 2.62
N MET A 112 -10.86 -6.95 2.11
CA MET A 112 -9.71 -6.25 2.68
C MET A 112 -9.99 -5.81 4.11
N ALA A 113 -11.20 -5.32 4.36
CA ALA A 113 -11.55 -4.89 5.71
C ALA A 113 -11.40 -6.05 6.68
N ARG A 114 -11.88 -7.23 6.29
CA ARG A 114 -11.84 -8.38 7.18
C ARG A 114 -10.41 -8.79 7.49
N LYS A 115 -9.52 -8.74 6.47
CA LYS A 115 -8.11 -9.05 6.72
C LYS A 115 -7.48 -8.04 7.68
N LEU A 116 -7.80 -6.76 7.52
CA LEU A 116 -7.18 -5.79 8.42
C LEU A 116 -7.82 -5.86 9.81
N GLN A 117 -9.11 -6.15 9.86
CA GLN A 117 -9.74 -6.26 11.16
C GLN A 117 -9.17 -7.44 11.93
N ASP A 118 -8.80 -8.52 11.23
CA ASP A 118 -8.14 -9.63 11.90
C ASP A 118 -6.87 -9.18 12.59
N VAL A 119 -6.09 -8.31 11.92
CA VAL A 119 -4.86 -7.77 12.52
C VAL A 119 -5.21 -6.97 13.77
N PHE A 120 -6.18 -6.08 13.65
CA PHE A 120 -6.56 -5.24 14.78
C PHE A 120 -7.06 -6.07 15.94
N GLU A 121 -8.01 -6.98 15.70
CA GLU A 121 -8.64 -7.68 16.83
C GLU A 121 -7.63 -8.50 17.59
N MET A 122 -6.70 -9.12 16.88
CA MET A 122 -5.71 -9.96 17.56
C MET A 122 -4.83 -9.11 18.49
N ARG A 123 -4.37 -7.97 17.99
CA ARG A 123 -3.51 -7.10 18.80
C ARG A 123 -4.30 -6.44 19.93
N PHE A 124 -5.52 -6.00 19.63
CA PHE A 124 -6.34 -5.34 20.64
C PHE A 124 -6.67 -6.30 21.78
N ALA A 125 -6.90 -7.58 21.45
CA ALA A 125 -7.20 -8.57 22.46
C ALA A 125 -6.00 -8.86 23.34
N LYS A 126 -4.79 -8.78 22.80
CA LYS A 126 -3.61 -9.17 23.53
C LYS A 126 -3.00 -8.01 24.29
N MET A 127 -3.66 -6.86 24.28
CA MET A 127 -3.30 -5.77 25.17
C MET A 127 -3.33 -6.25 26.60
N PRO A 128 -2.29 -5.99 27.40
CA PRO A 128 -2.41 -6.28 28.84
C PRO A 128 -3.48 -5.41 29.50
N ASP A 129 -4.07 -5.96 30.56
CA ASP A 129 -5.05 -5.24 31.37
C ASP A 129 -4.39 -4.03 32.02
N VAL B 20 27.55 -11.56 -14.79
CA VAL B 20 28.06 -11.01 -13.54
C VAL B 20 28.90 -9.77 -13.82
N SER B 21 28.57 -9.05 -14.89
CA SER B 21 29.25 -7.79 -15.18
C SER B 21 29.08 -6.82 -14.02
N GLU B 22 30.00 -5.86 -13.95
CA GLU B 22 29.92 -4.85 -12.90
C GLU B 22 28.60 -4.10 -12.95
N GLN B 23 28.11 -3.81 -14.16
CA GLN B 23 26.88 -3.05 -14.26
C GLN B 23 25.69 -3.84 -13.73
N LEU B 24 25.64 -5.15 -13.98
CA LEU B 24 24.53 -5.93 -13.43
C LEU B 24 24.64 -6.08 -11.92
N LYS B 25 25.85 -6.09 -11.37
CA LYS B 25 26.00 -6.00 -9.92
C LYS B 25 25.42 -4.69 -9.40
N CYS B 26 25.64 -3.59 -10.14
CA CYS B 26 25.06 -2.31 -9.74
CA CYS B 26 25.06 -2.31 -9.74
C CYS B 26 23.54 -2.35 -9.82
N CYS B 27 22.99 -3.04 -10.81
CA CYS B 27 21.55 -3.18 -10.91
C CYS B 27 20.97 -3.87 -9.67
N SER B 28 21.60 -4.95 -9.20
CA SER B 28 21.13 -5.57 -7.96
C SER B 28 21.12 -4.57 -6.81
N GLY B 29 22.15 -3.73 -6.72
CA GLY B 29 22.19 -2.74 -5.66
C GLY B 29 21.12 -1.67 -5.80
N ILE B 30 20.74 -1.35 -7.04
CA ILE B 30 19.67 -0.37 -7.24
C ILE B 30 18.35 -0.96 -6.81
N LEU B 31 18.09 -2.21 -7.19
CA LEU B 31 16.83 -2.83 -6.81
C LEU B 31 16.75 -3.00 -5.30
N LYS B 32 17.87 -3.33 -4.68
CA LYS B 32 17.90 -3.46 -3.23
C LYS B 32 17.57 -2.12 -2.55
N GLU B 33 18.10 -1.03 -3.10
CA GLU B 33 17.72 0.30 -2.60
C GLU B 33 16.22 0.57 -2.78
N MET B 34 15.66 0.16 -3.92
CA MET B 34 14.22 0.36 -4.13
C MET B 34 13.38 -0.41 -3.12
N PHE B 35 13.91 -1.50 -2.57
CA PHE B 35 13.22 -2.30 -1.55
C PHE B 35 13.46 -1.78 -0.14
N ALA B 36 14.25 -0.74 0.05
CA ALA B 36 14.67 -0.34 1.38
C ALA B 36 13.58 0.44 2.11
N LYS B 37 13.64 0.39 3.44
CA LYS B 37 12.59 1.02 4.27
C LYS B 37 12.43 2.50 3.93
N LYS B 38 13.55 3.16 3.65
CA LYS B 38 13.57 4.56 3.27
C LYS B 38 12.55 4.91 2.19
N HIS B 39 12.29 3.98 1.27
CA HIS B 39 11.41 4.28 0.13
C HIS B 39 10.08 3.58 0.23
N ALA B 40 9.81 2.91 1.36
CA ALA B 40 8.68 1.99 1.43
C ALA B 40 7.34 2.70 1.37
N ALA B 41 7.27 3.97 1.78
CA ALA B 41 5.99 4.67 1.78
C ALA B 41 5.43 4.81 0.37
N TYR B 42 6.28 4.81 -0.66
CA TYR B 42 5.80 4.86 -2.04
C TYR B 42 6.17 3.65 -2.87
N ALA B 43 7.10 2.80 -2.42
CA ALA B 43 7.50 1.65 -3.22
C ALA B 43 6.60 0.43 -3.04
N TRP B 44 5.84 0.33 -1.95
CA TRP B 44 5.22 -0.94 -1.62
C TRP B 44 4.25 -1.47 -2.67
N PRO B 45 3.51 -0.67 -3.43
CA PRO B 45 2.64 -1.26 -4.47
C PRO B 45 3.42 -2.07 -5.50
N PHE B 46 4.70 -1.79 -5.68
CA PHE B 46 5.49 -2.35 -6.76
C PHE B 46 6.29 -3.58 -6.31
N TYR B 47 6.14 -4.00 -5.06
CA TYR B 47 6.96 -5.09 -4.53
C TYR B 47 6.65 -6.43 -5.19
N LYS B 48 5.37 -6.69 -5.47
CA LYS B 48 4.91 -8.00 -5.91
C LYS B 48 4.00 -7.84 -7.12
N PRO B 49 3.75 -8.92 -7.87
CA PRO B 49 2.82 -8.82 -9.00
C PRO B 49 1.48 -8.23 -8.57
N VAL B 50 0.91 -7.40 -9.45
CA VAL B 50 -0.46 -6.93 -9.23
C VAL B 50 -1.39 -8.12 -9.06
N ASP B 51 -2.13 -8.13 -7.96
CA ASP B 51 -3.05 -9.21 -7.59
C ASP B 51 -4.44 -8.83 -8.09
N VAL B 52 -4.77 -9.26 -9.31
CA VAL B 52 -5.99 -8.79 -9.94
C VAL B 52 -7.21 -9.29 -9.19
N GLU B 53 -7.15 -10.47 -8.57
CA GLU B 53 -8.33 -10.96 -7.85
C GLU B 53 -8.60 -10.12 -6.61
N ALA B 54 -7.55 -9.84 -5.83
CA ALA B 54 -7.74 -9.06 -4.61
C ALA B 54 -8.17 -7.63 -4.91
N LEU B 55 -7.66 -7.05 -5.98
CA LEU B 55 -7.95 -5.66 -6.30
C LEU B 55 -9.16 -5.51 -7.24
N GLY B 56 -9.70 -6.61 -7.73
CA GLY B 56 -10.86 -6.57 -8.61
C GLY B 56 -10.57 -6.08 -10.00
N LEU B 57 -9.32 -6.17 -10.45
CA LEU B 57 -8.90 -5.59 -11.72
C LEU B 57 -8.90 -6.77 -12.68
N HIS B 58 -10.08 -7.05 -13.24
CA HIS B 58 -10.20 -8.22 -14.09
C HIS B 58 -9.91 -7.79 -15.52
N ASP B 59 -9.84 -6.49 -15.79
CA ASP B 59 -9.40 -5.96 -17.08
C ASP B 59 -7.89 -5.71 -17.15
N TYR B 60 -7.16 -5.92 -16.04
CA TYR B 60 -5.75 -5.54 -16.00
C TYR B 60 -4.97 -6.25 -17.08
N CYS B 61 -5.23 -7.55 -17.27
CA CYS B 61 -4.42 -8.28 -18.24
C CYS B 61 -4.86 -8.02 -19.67
N ASP B 62 -6.01 -7.38 -19.87
CA ASP B 62 -6.39 -6.92 -21.21
C ASP B 62 -5.66 -5.62 -21.56
N ILE B 63 -5.44 -4.77 -20.59
CA ILE B 63 -4.79 -3.49 -20.80
C ILE B 63 -3.27 -3.59 -20.71
N ILE B 64 -2.78 -4.39 -19.76
CA ILE B 64 -1.36 -4.54 -19.47
C ILE B 64 -0.92 -5.90 -19.99
N LYS B 65 -0.31 -5.90 -21.16
CA LYS B 65 0.05 -7.15 -21.82
C LYS B 65 1.27 -7.81 -21.21
N HIS B 66 2.12 -7.03 -20.55
CA HIS B 66 3.39 -7.52 -20.01
C HIS B 66 3.57 -6.99 -18.59
N PRO B 67 2.92 -7.62 -17.63
CA PRO B 67 3.05 -7.17 -16.24
C PRO B 67 4.48 -7.29 -15.75
N MET B 68 4.83 -6.46 -14.78
CA MET B 68 6.16 -6.49 -14.20
C MET B 68 6.11 -5.89 -12.81
N ASP B 69 6.99 -6.39 -11.95
CA ASP B 69 7.05 -5.96 -10.56
C ASP B 69 8.46 -6.23 -10.05
N MET B 70 8.76 -5.68 -8.86
CA MET B 70 10.12 -5.73 -8.35
C MET B 70 10.56 -7.14 -7.94
N SER B 71 9.64 -7.99 -7.49
CA SER B 71 10.03 -9.35 -7.12
C SER B 71 10.39 -10.18 -8.35
N THR B 72 9.62 -10.00 -9.41
CA THR B 72 9.95 -10.64 -10.67
C THR B 72 11.31 -10.18 -11.18
N ILE B 73 11.58 -8.87 -11.13
CA ILE B 73 12.88 -8.36 -11.54
C ILE B 73 13.99 -8.97 -10.69
N LYS B 74 13.77 -9.04 -9.36
CA LYS B 74 14.77 -9.63 -8.48
C LYS B 74 15.03 -11.07 -8.86
N SER B 75 13.98 -11.83 -9.15
CA SER B 75 14.15 -13.23 -9.54
C SER B 75 14.95 -13.35 -10.82
N LYS B 76 14.70 -12.45 -11.78
CA LYS B 76 15.42 -12.49 -13.05
C LYS B 76 16.89 -12.14 -12.84
N LEU B 77 17.19 -11.18 -11.95
CA LEU B 77 18.58 -10.90 -11.62
C LEU B 77 19.26 -12.11 -11.01
N GLU B 78 18.60 -12.73 -10.03
CA GLU B 78 19.19 -13.85 -9.31
C GLU B 78 19.44 -15.02 -10.23
N ALA B 79 18.58 -15.20 -11.23
CA ALA B 79 18.70 -16.28 -12.19
C ALA B 79 19.58 -15.89 -13.36
N ARG B 80 20.18 -14.70 -13.31
CA ARG B 80 21.12 -14.23 -14.32
C ARG B 80 20.49 -14.27 -15.73
N GLU B 81 19.24 -13.79 -15.80
CA GLU B 81 18.47 -13.74 -17.03
C GLU B 81 18.64 -12.44 -17.83
N TYR B 82 19.19 -11.38 -17.25
CA TYR B 82 19.37 -10.14 -17.99
C TYR B 82 20.69 -10.20 -18.75
N ARG B 83 20.67 -9.79 -20.02
CA ARG B 83 21.91 -9.78 -20.80
C ARG B 83 22.81 -8.64 -20.37
N ASP B 84 22.23 -7.53 -19.94
CA ASP B 84 23.00 -6.35 -19.59
C ASP B 84 22.11 -5.41 -18.80
N ALA B 85 22.68 -4.30 -18.36
CA ALA B 85 21.92 -3.36 -17.53
C ALA B 85 20.78 -2.71 -18.29
N GLN B 86 20.89 -2.54 -19.60
CA GLN B 86 19.76 -1.93 -20.31
C GLN B 86 18.54 -2.84 -20.28
N GLU B 87 18.73 -4.16 -20.26
CA GLU B 87 17.57 -5.06 -20.16
C GLU B 87 16.91 -4.95 -18.79
N PHE B 88 17.72 -4.86 -17.73
CA PHE B 88 17.17 -4.59 -16.40
C PHE B 88 16.42 -3.28 -16.37
N GLY B 89 17.01 -2.22 -16.92
CA GLY B 89 16.35 -0.93 -16.89
C GLY B 89 15.04 -0.95 -17.66
N ALA B 90 15.00 -1.72 -18.75
CA ALA B 90 13.78 -1.84 -19.52
C ALA B 90 12.65 -2.46 -18.69
N ASP B 91 12.97 -3.47 -17.87
CA ASP B 91 11.93 -4.09 -17.05
C ASP B 91 11.47 -3.14 -15.95
N VAL B 92 12.40 -2.37 -15.36
CA VAL B 92 11.99 -1.40 -14.35
C VAL B 92 11.06 -0.39 -14.97
N ARG B 93 11.42 0.10 -16.15
CA ARG B 93 10.60 1.13 -16.79
C ARG B 93 9.28 0.56 -17.27
N LEU B 94 9.25 -0.72 -17.63
CA LEU B 94 8.00 -1.38 -17.97
C LEU B 94 7.06 -1.41 -16.76
N MET B 95 7.61 -1.72 -15.60
CA MET B 95 6.81 -1.73 -14.38
C MET B 95 6.14 -0.37 -14.17
N PHE B 96 6.91 0.72 -14.28
CA PHE B 96 6.32 2.04 -14.10
C PHE B 96 5.36 2.39 -15.23
N SER B 97 5.72 2.07 -16.48
CA SER B 97 4.84 2.41 -17.60
C SER B 97 3.50 1.71 -17.48
N ASN B 98 3.51 0.45 -17.00
CA ASN B 98 2.25 -0.26 -16.80
C ASN B 98 1.36 0.51 -15.83
N CYS B 99 1.96 1.04 -14.77
CA CYS B 99 1.20 1.80 -13.80
C CYS B 99 0.62 3.07 -14.43
N TYR B 100 1.44 3.78 -15.21
CA TYR B 100 0.97 4.99 -15.88
C TYR B 100 -0.09 4.66 -16.92
N LYS B 101 0.06 3.54 -17.61
CA LYS B 101 -0.91 3.19 -18.65
C LYS B 101 -2.27 2.85 -18.05
N TYR B 102 -2.28 2.06 -16.97
CA TYR B 102 -3.53 1.54 -16.44
C TYR B 102 -4.32 2.62 -15.70
N ASN B 103 -3.63 3.55 -15.04
CA ASN B 103 -4.30 4.40 -14.07
C ASN B 103 -4.46 5.82 -14.58
N PRO B 104 -5.48 6.52 -14.10
CA PRO B 104 -5.59 7.95 -14.37
C PRO B 104 -4.41 8.70 -13.80
N PRO B 105 -4.00 9.79 -14.44
CA PRO B 105 -2.78 10.48 -14.00
C PRO B 105 -2.86 11.08 -12.61
N ASP B 106 -4.05 11.32 -12.07
CA ASP B 106 -4.16 11.89 -10.72
C ASP B 106 -4.27 10.82 -9.62
N HIS B 107 -4.11 9.52 -9.95
CA HIS B 107 -4.24 8.47 -8.96
CA HIS B 107 -4.25 8.49 -8.93
C HIS B 107 -3.03 8.48 -8.02
N GLU B 108 -3.26 8.16 -6.75
CA GLU B 108 -2.15 8.13 -5.81
C GLU B 108 -1.07 7.14 -6.23
N VAL B 109 -1.45 6.00 -6.81
CA VAL B 109 -0.42 5.01 -7.14
C VAL B 109 0.51 5.54 -8.22
N VAL B 110 0.01 6.42 -9.09
CA VAL B 110 0.85 7.06 -10.10
C VAL B 110 1.85 8.00 -9.44
N ALA B 111 1.40 8.75 -8.44
CA ALA B 111 2.31 9.62 -7.71
C ALA B 111 3.39 8.80 -7.03
N MET B 112 3.02 7.65 -6.47
CA MET B 112 4.00 6.78 -5.83
C MET B 112 4.98 6.21 -6.85
N ALA B 113 4.47 5.80 -8.01
CA ALA B 113 5.36 5.30 -9.06
C ALA B 113 6.39 6.35 -9.45
N ARG B 114 5.95 7.60 -9.59
CA ARG B 114 6.86 8.65 -10.02
C ARG B 114 7.96 8.88 -8.98
N LYS B 115 7.61 8.84 -7.70
CA LYS B 115 8.61 9.01 -6.66
C LYS B 115 9.63 7.89 -6.70
N LEU B 116 9.17 6.65 -6.89
CA LEU B 116 10.11 5.54 -6.95
C LEU B 116 10.93 5.60 -8.24
N GLN B 117 10.30 6.01 -9.35
CA GLN B 117 11.04 6.11 -10.59
C GLN B 117 12.13 7.16 -10.49
N ASP B 118 11.89 8.23 -9.75
CA ASP B 118 12.96 9.21 -9.59
C ASP B 118 14.15 8.61 -8.86
N VAL B 119 13.90 7.72 -7.90
CA VAL B 119 14.98 7.00 -7.23
C VAL B 119 15.73 6.13 -8.22
N PHE B 120 14.99 5.32 -8.97
CA PHE B 120 15.61 4.46 -9.96
C PHE B 120 16.42 5.25 -10.98
N GLU B 121 15.82 6.26 -11.61
CA GLU B 121 16.50 6.95 -12.72
C GLU B 121 17.77 7.63 -12.26
N MET B 122 17.77 8.19 -11.05
CA MET B 122 18.99 8.83 -10.55
C MET B 122 20.11 7.81 -10.38
N ARG B 123 19.83 6.67 -9.75
CA ARG B 123 20.87 5.66 -9.53
C ARG B 123 21.31 5.04 -10.85
N PHE B 124 20.35 4.77 -11.73
CA PHE B 124 20.66 4.14 -13.01
C PHE B 124 21.55 5.07 -13.85
N ALA B 125 21.31 6.37 -13.77
CA ALA B 125 22.09 7.32 -14.54
C ALA B 125 23.52 7.43 -14.03
N LYS B 126 23.73 7.19 -12.74
CA LYS B 126 25.03 7.39 -12.11
C LYS B 126 25.83 6.10 -12.01
N MET B 127 25.36 5.05 -12.65
CA MET B 127 26.09 3.81 -12.77
C MET B 127 27.35 4.02 -13.61
N PRO B 128 28.50 3.51 -13.18
CA PRO B 128 29.71 3.58 -14.01
C PRO B 128 29.47 3.01 -15.40
N ASP B 129 29.97 3.73 -16.40
CA ASP B 129 29.74 3.40 -17.81
C ASP B 129 31.06 2.94 -18.46
#